data_3M01
#
_entry.id   3M01
#
_cell.length_a   125.500
_cell.length_b   125.500
_cell.length_c   122.700
_cell.angle_alpha   90.000
_cell.angle_beta   90.000
_cell.angle_gamma   90.000
#
_symmetry.space_group_name_H-M   'P 41 21 2'
#
loop_
_entity.id
_entity.type
_entity.pdbx_description
1 polymer 'Aristolochene synthase'
2 non-polymer '(2Z,6E)-2-fluoro-3,7,11-trimethyldodeca-2,6,10-trien-1-yl trihydrogen diphosphate'
3 non-polymer 'MAGNESIUM ION'
4 non-polymer 'ACETATE ION'
5 water water
#
_entity_poly.entity_id   1
_entity_poly.type   'polypeptide(L)'
_entity_poly.pdbx_seq_one_letter_code
;GSMASAAVANYEEEIVRPVADFSPSLWGDQFLSFSIKNQVAEKYAKEIEALKEQTRNMLLATGMKLADTLNLIDTIERLG
ISYHFEKEIDDILDQIYNQNSNCNDLCTSALQFRLLRQHGFNISPEIFSKFQDENGKFKESLASDVLGLLNLYEASHVRT
HADDILEDALAFSTIHLESAAPHLKSPLREQVTHALEQCLHKGVPRVETRFFISSIYDKEQSKNNVLLRFAKLDFNLLQM
LHKQELAQVSRWWKDLDFVTTLPYARDRVVECYFWALGVYFEPQYSQARVMLVKTISMISIVDDTFDAYGTVKELEAYTD
AIQRWDINEIDRLPDYMKISYKAILDLYKDYEKELSSAGRSHIVCHAIERMKEVVRNYNVESTWFIEGYTPPVSEYLSNA
LATTTYYYLATTSYLGMKSATEQDFEWLSKNPKILEASVIICRVIDDTATYEVEKSRGQIATGIECCMRDYGISTKEAMA
KFQNMAETAWKDINEGLLRPTPVSTEFLTPILNLARIVEVTYIHNLDGYTHPEKVLKPHIINLLVDSIKI
;
_entity_poly.pdbx_strand_id   A
#
loop_
_chem_comp.id
_chem_comp.type
_chem_comp.name
_chem_comp.formula
ACT non-polymer 'ACETATE ION' 'C2 H3 O2 -1'
FPF non-polymer '(2Z,6E)-2-fluoro-3,7,11-trimethyldodeca-2,6,10-trien-1-yl trihydrogen diphosphate' 'C15 H27 F O7 P2'
MG non-polymer 'MAGNESIUM ION' 'Mg 2'
#
# COMPACT_ATOMS: atom_id res chain seq x y z
N VAL A 16 2.02 -10.29 -37.07
CA VAL A 16 3.00 -11.29 -36.55
C VAL A 16 3.43 -10.94 -35.13
N ARG A 17 2.46 -10.88 -34.21
CA ARG A 17 2.71 -10.54 -32.81
C ARG A 17 3.52 -11.57 -32.03
N PRO A 18 3.95 -11.23 -30.80
CA PRO A 18 4.72 -12.13 -29.94
C PRO A 18 3.83 -13.16 -29.24
N VAL A 19 4.43 -14.27 -28.85
CA VAL A 19 3.70 -15.35 -28.18
C VAL A 19 3.26 -15.03 -26.75
N ALA A 20 1.95 -15.07 -26.51
CA ALA A 20 1.39 -14.79 -25.19
C ALA A 20 1.93 -15.83 -24.20
N ASP A 21 3.07 -15.51 -23.60
CA ASP A 21 3.74 -16.40 -22.66
C ASP A 21 3.17 -16.38 -21.23
N PHE A 22 2.31 -15.40 -20.94
CA PHE A 22 1.70 -15.28 -19.61
C PHE A 22 1.17 -16.58 -19.04
N SER A 23 1.01 -16.63 -17.72
CA SER A 23 0.51 -17.82 -17.04
C SER A 23 -0.93 -17.66 -16.56
N PRO A 24 -1.70 -18.76 -16.53
CA PRO A 24 -3.11 -18.72 -16.09
C PRO A 24 -3.24 -18.52 -14.59
N SER A 25 -4.41 -18.06 -14.16
CA SER A 25 -4.68 -17.84 -12.75
C SER A 25 -4.61 -19.17 -12.02
N LEU A 26 -3.78 -19.23 -10.98
CA LEU A 26 -3.62 -20.44 -10.19
C LEU A 26 -4.81 -20.60 -9.26
N TRP A 27 -5.75 -19.66 -9.35
CA TRP A 27 -6.92 -19.66 -8.49
C TRP A 27 -8.18 -20.34 -9.02
N GLY A 28 -8.28 -20.53 -10.33
CA GLY A 28 -9.48 -21.13 -10.87
C GLY A 28 -10.67 -20.29 -10.43
N ASP A 29 -11.78 -20.94 -10.08
CA ASP A 29 -12.97 -20.20 -9.66
C ASP A 29 -13.12 -20.27 -8.15
N GLN A 30 -12.00 -20.51 -7.49
CA GLN A 30 -11.90 -20.59 -6.04
C GLN A 30 -12.65 -19.45 -5.35
N PHE A 31 -12.65 -18.28 -5.97
CA PHE A 31 -13.32 -17.11 -5.40
C PHE A 31 -14.60 -16.73 -6.10
N LEU A 32 -14.85 -17.34 -7.26
CA LEU A 32 -16.04 -17.04 -8.04
C LEU A 32 -17.35 -16.99 -7.27
N SER A 33 -17.61 -17.99 -6.44
CA SER A 33 -18.85 -18.03 -5.69
C SER A 33 -18.69 -18.18 -4.18
N PHE A 34 -19.09 -17.15 -3.45
CA PHE A 34 -19.02 -17.17 -1.99
C PHE A 34 -20.34 -16.70 -1.40
N SER A 35 -20.91 -17.53 -0.51
CA SER A 35 -22.17 -17.21 0.15
C SER A 35 -21.98 -17.10 1.67
N ILE A 36 -22.19 -15.89 2.19
CA ILE A 36 -22.03 -15.59 3.60
C ILE A 36 -23.05 -16.21 4.56
N LYS A 37 -22.58 -17.05 5.48
CA LYS A 37 -23.44 -17.69 6.47
C LYS A 37 -23.96 -16.62 7.43
N ASN A 38 -25.10 -16.03 7.09
CA ASN A 38 -25.71 -14.98 7.88
C ASN A 38 -25.77 -15.23 9.38
N GLN A 39 -25.91 -16.48 9.78
CA GLN A 39 -25.95 -16.80 11.22
C GLN A 39 -24.62 -16.47 11.87
N VAL A 40 -23.54 -17.00 11.31
CA VAL A 40 -22.22 -16.75 11.87
C VAL A 40 -21.91 -15.25 11.84
N ALA A 41 -22.19 -14.64 10.70
CA ALA A 41 -21.96 -13.21 10.51
C ALA A 41 -22.62 -12.37 11.61
N GLU A 42 -23.88 -12.66 11.89
CA GLU A 42 -24.58 -11.90 12.92
C GLU A 42 -24.13 -12.27 14.32
N LYS A 43 -23.69 -13.50 14.51
CA LYS A 43 -23.21 -13.94 15.81
C LYS A 43 -21.98 -13.10 16.15
N TYR A 44 -21.05 -13.03 15.18
CA TYR A 44 -19.82 -12.26 15.32
C TYR A 44 -20.11 -10.79 15.55
N ALA A 45 -20.97 -10.24 14.70
CA ALA A 45 -21.35 -8.84 14.79
C ALA A 45 -21.85 -8.49 16.20
N LYS A 46 -22.83 -9.25 16.68
CA LYS A 46 -23.40 -9.04 18.00
C LYS A 46 -22.35 -9.10 19.11
N GLU A 47 -21.45 -10.07 19.06
CA GLU A 47 -20.43 -10.14 20.11
C GLU A 47 -19.38 -9.04 19.93
N ILE A 48 -19.03 -8.73 18.68
CA ILE A 48 -18.06 -7.69 18.42
C ILE A 48 -18.54 -6.39 19.05
N GLU A 49 -19.84 -6.10 18.93
CA GLU A 49 -20.38 -4.88 19.51
C GLU A 49 -20.07 -4.86 21.01
N ALA A 50 -20.23 -5.98 21.67
CA ALA A 50 -19.96 -6.07 23.08
C ALA A 50 -18.47 -5.91 23.35
N LEU A 51 -17.64 -6.68 22.66
CA LEU A 51 -16.20 -6.59 22.85
C LEU A 51 -15.72 -5.19 22.47
N LYS A 52 -16.38 -4.59 21.49
CA LYS A 52 -16.02 -3.26 21.04
C LYS A 52 -16.18 -2.30 22.22
N GLU A 53 -17.33 -2.36 22.87
CA GLU A 53 -17.57 -1.47 24.00
C GLU A 53 -16.63 -1.74 25.18
N GLN A 54 -16.32 -3.00 25.46
CA GLN A 54 -15.40 -3.31 26.56
C GLN A 54 -14.05 -2.66 26.28
N THR A 55 -13.60 -2.79 25.04
CA THR A 55 -12.32 -2.25 24.61
C THR A 55 -12.31 -0.73 24.77
N ARG A 56 -13.41 -0.08 24.38
CA ARG A 56 -13.50 1.37 24.49
C ARG A 56 -13.25 1.80 25.93
N ASN A 57 -13.83 1.05 26.87
CA ASN A 57 -13.65 1.35 28.28
C ASN A 57 -12.21 1.14 28.75
N MET A 58 -11.48 0.26 28.07
CA MET A 58 -10.08 0.02 28.42
C MET A 58 -9.30 1.30 28.08
N LEU A 59 -9.68 1.92 26.95
CA LEU A 59 -9.05 3.15 26.49
C LEU A 59 -9.43 4.34 27.34
N LEU A 60 -10.72 4.46 27.65
CA LEU A 60 -11.20 5.57 28.45
C LEU A 60 -10.91 5.42 29.93
N ALA A 61 -10.12 4.42 30.30
CA ALA A 61 -9.79 4.21 31.71
C ALA A 61 -8.81 5.30 32.15
N THR A 62 -8.90 5.68 33.43
CA THR A 62 -8.03 6.72 33.99
C THR A 62 -6.92 6.17 34.86
N GLY A 63 -6.08 7.07 35.38
CA GLY A 63 -4.99 6.66 36.24
C GLY A 63 -4.11 5.57 35.64
N MET A 64 -4.04 5.56 34.31
CA MET A 64 -3.24 4.57 33.60
C MET A 64 -1.88 5.16 33.24
N LYS A 65 -0.81 4.41 33.48
CA LYS A 65 0.54 4.89 33.17
C LYS A 65 0.77 5.11 31.68
N LEU A 66 1.74 5.97 31.37
CA LEU A 66 2.06 6.29 29.98
C LEU A 66 2.41 5.02 29.20
N ALA A 67 3.44 4.32 29.68
CA ALA A 67 3.89 3.10 29.04
C ALA A 67 2.75 2.13 28.76
N ASP A 68 1.88 1.93 29.74
CA ASP A 68 0.78 1.01 29.56
C ASP A 68 -0.26 1.54 28.58
N THR A 69 -0.46 2.85 28.59
CA THR A 69 -1.44 3.46 27.69
C THR A 69 -0.95 3.34 26.25
N LEU A 70 0.35 3.50 26.06
CA LEU A 70 0.90 3.38 24.73
C LEU A 70 0.85 1.94 24.28
N ASN A 71 1.15 1.01 25.18
CA ASN A 71 1.11 -0.41 24.83
C ASN A 71 -0.29 -0.85 24.43
N LEU A 72 -1.28 -0.30 25.11
CA LEU A 72 -2.65 -0.63 24.80
C LEU A 72 -2.99 -0.16 23.39
N ILE A 73 -2.63 1.09 23.07
CA ILE A 73 -2.93 1.61 21.75
C ILE A 73 -2.15 0.85 20.66
N ASP A 74 -0.89 0.53 20.97
CA ASP A 74 -0.05 -0.19 20.01
C ASP A 74 -0.67 -1.56 19.72
N THR A 75 -1.10 -2.23 20.77
CA THR A 75 -1.71 -3.55 20.65
C THR A 75 -3.00 -3.50 19.85
N ILE A 76 -3.86 -2.54 20.17
CA ILE A 76 -5.11 -2.42 19.45
C ILE A 76 -4.83 -2.14 17.98
N GLU A 77 -3.76 -1.39 17.69
CA GLU A 77 -3.44 -1.10 16.30
C GLU A 77 -2.90 -2.32 15.59
N ARG A 78 -1.96 -3.03 16.22
CA ARG A 78 -1.41 -4.22 15.58
C ARG A 78 -2.48 -5.30 15.38
N LEU A 79 -3.47 -5.35 16.28
CA LEU A 79 -4.55 -6.33 16.19
C LEU A 79 -5.50 -5.98 15.05
N GLY A 80 -5.27 -4.82 14.44
CA GLY A 80 -6.09 -4.39 13.32
C GLY A 80 -7.49 -3.94 13.67
N ILE A 81 -7.73 -3.58 14.93
CA ILE A 81 -9.06 -3.14 15.32
C ILE A 81 -9.12 -1.67 15.72
N SER A 82 -8.01 -0.95 15.60
CA SER A 82 -7.99 0.46 15.95
C SER A 82 -8.94 1.32 15.09
N TYR A 83 -9.35 0.82 13.93
CA TYR A 83 -10.28 1.60 13.11
C TYR A 83 -11.64 1.81 13.77
N HIS A 84 -11.85 1.17 14.93
CA HIS A 84 -13.10 1.29 15.69
C HIS A 84 -12.96 2.40 16.74
N PHE A 85 -11.74 2.88 16.94
CA PHE A 85 -11.48 3.89 17.95
C PHE A 85 -10.61 5.04 17.46
N GLU A 86 -10.85 5.50 16.24
CA GLU A 86 -10.07 6.59 15.66
C GLU A 86 -10.11 7.83 16.55
N LYS A 87 -11.27 8.08 17.16
CA LYS A 87 -11.47 9.23 18.03
C LYS A 87 -10.87 9.05 19.43
N GLU A 88 -11.16 7.91 20.07
CA GLU A 88 -10.61 7.67 21.40
C GLU A 88 -9.09 7.69 21.36
N ILE A 89 -8.53 6.98 20.39
CA ILE A 89 -7.09 6.90 20.26
C ILE A 89 -6.50 8.29 20.01
N ASP A 90 -7.17 9.06 19.16
CA ASP A 90 -6.73 10.40 18.85
C ASP A 90 -6.64 11.28 20.10
N ASP A 91 -7.75 11.37 20.84
CA ASP A 91 -7.77 12.18 22.05
C ASP A 91 -6.62 11.83 22.98
N ILE A 92 -6.38 10.53 23.13
CA ILE A 92 -5.32 10.06 24.01
C ILE A 92 -3.94 10.50 23.55
N LEU A 93 -3.61 10.23 22.29
CA LEU A 93 -2.30 10.60 21.78
C LEU A 93 -2.14 12.11 21.83
N ASP A 94 -3.23 12.82 21.59
CA ASP A 94 -3.21 14.27 21.61
C ASP A 94 -2.73 14.76 22.98
N GLN A 95 -3.38 14.32 24.04
CA GLN A 95 -2.98 14.74 25.37
C GLN A 95 -1.55 14.32 25.69
N ILE A 96 -1.14 13.18 25.17
CA ILE A 96 0.21 12.69 25.42
C ILE A 96 1.22 13.62 24.72
N TYR A 97 0.82 14.11 23.55
CA TYR A 97 1.66 15.00 22.77
C TYR A 97 1.82 16.32 23.50
N ASN A 98 0.69 16.84 23.99
CA ASN A 98 0.65 18.11 24.69
C ASN A 98 1.26 18.15 26.09
N GLN A 99 1.40 17.01 26.75
CA GLN A 99 1.96 17.03 28.09
C GLN A 99 3.48 16.83 28.09
N ASN A 100 4.04 16.60 26.90
CA ASN A 100 5.48 16.41 26.72
C ASN A 100 6.15 15.64 27.86
N SER A 101 5.41 14.73 28.49
CA SER A 101 5.94 13.91 29.58
C SER A 101 7.18 13.18 29.09
N ASN A 102 8.12 12.90 29.97
CA ASN A 102 9.34 12.19 29.56
C ASN A 102 9.67 10.92 30.32
N CYS A 103 9.31 9.78 29.72
CA CYS A 103 9.58 8.48 30.31
C CYS A 103 11.03 8.18 29.94
N ASN A 104 11.86 8.04 30.96
CA ASN A 104 13.31 7.84 30.80
C ASN A 104 13.86 6.53 30.21
N ASP A 105 13.09 5.82 29.40
CA ASP A 105 13.62 4.59 28.81
C ASP A 105 13.29 4.44 27.33
N LEU A 106 14.29 3.97 26.60
CA LEU A 106 14.20 3.76 25.16
C LEU A 106 12.86 3.24 24.69
N CYS A 107 12.52 2.04 25.16
CA CYS A 107 11.28 1.38 24.80
C CYS A 107 10.05 2.27 24.74
N THR A 108 9.72 2.92 25.85
CA THR A 108 8.53 3.77 25.89
C THR A 108 8.69 5.05 25.06
N SER A 109 9.91 5.57 25.02
CA SER A 109 10.16 6.78 24.24
C SER A 109 9.98 6.50 22.75
N ALA A 110 10.64 5.45 22.25
CA ALA A 110 10.54 5.07 20.85
C ALA A 110 9.10 4.79 20.48
N LEU A 111 8.38 4.08 21.33
CA LEU A 111 7.00 3.77 21.04
C LEU A 111 6.17 5.04 21.01
N GLN A 112 6.40 5.93 21.99
CA GLN A 112 5.67 7.19 22.03
C GLN A 112 5.99 7.99 20.77
N PHE A 113 7.26 7.98 20.39
CA PHE A 113 7.67 8.71 19.20
C PHE A 113 6.93 8.21 17.97
N ARG A 114 7.02 6.90 17.70
CA ARG A 114 6.36 6.33 16.54
C ARG A 114 4.85 6.56 16.50
N LEU A 115 4.14 6.17 17.56
CA LEU A 115 2.70 6.35 17.57
C LEU A 115 2.29 7.77 17.24
N LEU A 116 2.94 8.74 17.87
CA LEU A 116 2.62 10.14 17.62
C LEU A 116 2.88 10.54 16.16
N ARG A 117 4.06 10.21 15.64
CA ARG A 117 4.37 10.57 14.27
C ARG A 117 3.44 9.93 13.24
N GLN A 118 3.03 8.69 13.47
CA GLN A 118 2.16 8.04 12.48
C GLN A 118 0.78 8.67 12.53
N HIS A 119 0.51 9.39 13.62
CA HIS A 119 -0.77 10.04 13.79
C HIS A 119 -0.71 11.53 13.48
N GLY A 120 0.44 11.98 12.98
CA GLY A 120 0.59 13.37 12.61
C GLY A 120 1.14 14.35 13.62
N PHE A 121 1.24 13.94 14.88
CA PHE A 121 1.78 14.82 15.92
C PHE A 121 3.29 14.91 15.72
N ASN A 122 3.75 16.12 15.41
CA ASN A 122 5.16 16.35 15.15
C ASN A 122 6.01 16.42 16.42
N ILE A 123 6.01 15.34 17.19
CA ILE A 123 6.80 15.31 18.41
C ILE A 123 8.27 15.41 18.02
N SER A 124 9.04 16.10 18.86
CA SER A 124 10.46 16.31 18.62
C SER A 124 11.31 15.08 18.81
N PRO A 125 12.31 14.87 17.94
CA PRO A 125 13.22 13.73 18.00
C PRO A 125 14.28 13.95 19.07
N GLU A 126 14.17 15.08 19.77
CA GLU A 126 15.12 15.42 20.82
C GLU A 126 14.94 14.47 22.00
N ILE A 127 13.84 13.72 21.96
CA ILE A 127 13.53 12.75 23.00
C ILE A 127 14.53 11.60 23.00
N PHE A 128 15.30 11.48 21.92
CA PHE A 128 16.29 10.41 21.78
C PHE A 128 17.70 10.81 22.20
N SER A 129 17.90 12.07 22.57
CA SER A 129 19.23 12.53 22.97
C SER A 129 19.72 11.90 24.26
N LYS A 130 18.84 11.78 25.24
CA LYS A 130 19.21 11.19 26.52
C LYS A 130 19.76 9.78 26.32
N PHE A 131 19.37 9.13 25.23
CA PHE A 131 19.84 7.79 24.94
C PHE A 131 21.10 7.79 24.09
N GLN A 132 21.57 8.98 23.74
CA GLN A 132 22.77 9.10 22.93
C GLN A 132 23.93 9.73 23.70
N ASP A 133 25.16 9.47 23.27
CA ASP A 133 26.32 10.06 23.94
C ASP A 133 26.47 11.49 23.45
N GLU A 134 27.43 12.21 24.01
CA GLU A 134 27.67 13.60 23.64
C GLU A 134 28.03 13.71 22.15
N ASN A 135 28.51 12.60 21.59
CA ASN A 135 28.90 12.54 20.19
C ASN A 135 27.68 12.42 19.27
N GLY A 136 26.51 12.27 19.87
CA GLY A 136 25.28 12.15 19.09
C GLY A 136 25.01 10.76 18.53
N LYS A 137 25.53 9.74 19.21
CA LYS A 137 25.32 8.36 18.79
C LYS A 137 24.77 7.53 19.94
N PHE A 138 23.87 6.60 19.61
CA PHE A 138 23.25 5.76 20.63
C PHE A 138 24.26 5.01 21.50
N LYS A 139 24.04 5.09 22.81
CA LYS A 139 24.91 4.43 23.78
C LYS A 139 24.91 2.93 23.53
N GLU A 140 26.06 2.38 23.14
CA GLU A 140 26.18 0.96 22.89
C GLU A 140 25.71 0.14 24.09
N SER A 141 25.61 0.78 25.25
CA SER A 141 25.16 0.12 26.45
C SER A 141 23.68 -0.31 26.36
N LEU A 142 22.94 0.26 25.42
CA LEU A 142 21.52 -0.06 25.24
C LEU A 142 21.35 -1.38 24.48
N ALA A 143 22.45 -1.89 23.93
CA ALA A 143 22.44 -3.11 23.14
C ALA A 143 21.89 -4.35 23.83
N SER A 144 21.62 -4.27 25.12
CA SER A 144 21.10 -5.42 25.84
C SER A 144 19.65 -5.21 26.28
N ASP A 145 18.98 -4.27 25.64
CA ASP A 145 17.59 -3.97 25.95
C ASP A 145 16.75 -4.24 24.70
N VAL A 146 16.54 -5.52 24.43
CA VAL A 146 15.80 -5.96 23.27
C VAL A 146 14.47 -5.23 23.00
N LEU A 147 13.60 -5.09 24.00
CA LEU A 147 12.35 -4.39 23.74
C LEU A 147 12.63 -2.96 23.29
N GLY A 148 13.61 -2.32 23.93
CA GLY A 148 13.96 -0.95 23.57
C GLY A 148 14.43 -0.88 22.13
N LEU A 149 15.32 -1.80 21.75
CA LEU A 149 15.84 -1.84 20.40
C LEU A 149 14.71 -2.08 19.39
N LEU A 150 13.79 -2.96 19.73
CA LEU A 150 12.70 -3.26 18.82
C LEU A 150 11.87 -2.02 18.52
N ASN A 151 11.44 -1.30 19.54
CA ASN A 151 10.65 -0.10 19.31
C ASN A 151 11.47 1.02 18.68
N LEU A 152 12.77 1.02 18.91
CA LEU A 152 13.59 2.06 18.31
C LEU A 152 13.63 1.72 16.82
N TYR A 153 13.75 0.44 16.53
CA TYR A 153 13.81 -0.05 15.16
C TYR A 153 12.56 0.35 14.40
N GLU A 154 11.40 0.07 14.97
CA GLU A 154 10.16 0.41 14.31
C GLU A 154 10.04 1.94 14.17
N ALA A 155 10.54 2.67 15.15
CA ALA A 155 10.47 4.12 15.11
C ALA A 155 11.38 4.69 14.03
N SER A 156 12.53 4.07 13.83
CA SER A 156 13.49 4.57 12.84
C SER A 156 12.90 4.65 11.44
N HIS A 157 11.84 3.91 11.17
CA HIS A 157 11.25 3.95 9.84
C HIS A 157 10.25 5.09 9.61
N VAL A 158 9.85 5.79 10.66
CA VAL A 158 8.90 6.89 10.46
C VAL A 158 9.60 8.23 10.52
N ARG A 159 10.92 8.26 10.36
CA ARG A 159 11.59 9.54 10.43
C ARG A 159 11.41 10.43 9.20
N THR A 160 11.63 11.72 9.40
CA THR A 160 11.50 12.71 8.33
C THR A 160 12.90 13.29 8.08
N HIS A 161 12.99 14.27 7.19
CA HIS A 161 14.27 14.88 6.87
C HIS A 161 14.85 15.68 8.03
N ALA A 162 13.99 16.00 9.00
CA ALA A 162 14.43 16.78 10.16
C ALA A 162 14.86 15.90 11.34
N ASP A 163 14.86 14.58 11.16
CA ASP A 163 15.24 13.71 12.26
C ASP A 163 16.60 13.06 12.07
N ASP A 164 17.64 13.87 11.90
CA ASP A 164 18.97 13.31 11.74
C ASP A 164 19.49 12.71 13.03
N ILE A 165 18.79 12.99 14.12
CA ILE A 165 19.17 12.44 15.41
C ILE A 165 19.03 10.92 15.34
N LEU A 166 18.09 10.47 14.50
CA LEU A 166 17.83 9.05 14.30
C LEU A 166 18.54 8.48 13.07
N GLU A 167 19.50 9.23 12.54
CA GLU A 167 20.22 8.80 11.36
C GLU A 167 20.84 7.43 11.48
N ASP A 168 21.16 7.03 12.71
CA ASP A 168 21.81 5.74 12.93
C ASP A 168 20.94 4.70 13.66
N ALA A 169 19.77 5.11 14.14
CA ALA A 169 18.88 4.20 14.85
C ALA A 169 18.69 2.86 14.11
N LEU A 170 18.33 2.92 12.83
CA LEU A 170 18.12 1.71 12.06
C LEU A 170 19.27 0.72 12.07
N ALA A 171 20.48 1.15 11.71
CA ALA A 171 21.63 0.25 11.71
C ALA A 171 21.94 -0.23 13.12
N PHE A 172 21.86 0.69 14.08
CA PHE A 172 22.13 0.38 15.48
C PHE A 172 21.19 -0.72 15.98
N SER A 173 19.89 -0.43 15.94
CA SER A 173 18.93 -1.41 16.42
C SER A 173 18.99 -2.68 15.59
N THR A 174 19.18 -2.55 14.28
CA THR A 174 19.24 -3.71 13.44
C THR A 174 20.34 -4.68 13.81
N ILE A 175 21.56 -4.17 13.98
CA ILE A 175 22.67 -5.06 14.29
C ILE A 175 22.50 -5.82 15.61
N HIS A 176 22.01 -5.14 16.63
CA HIS A 176 21.84 -5.80 17.91
C HIS A 176 20.64 -6.77 17.93
N LEU A 177 19.58 -6.42 17.21
CA LEU A 177 18.42 -7.29 17.17
C LEU A 177 18.84 -8.60 16.50
N GLU A 178 19.51 -8.51 15.36
CA GLU A 178 19.95 -9.73 14.68
C GLU A 178 20.75 -10.55 15.66
N SER A 179 21.58 -9.85 16.43
CA SER A 179 22.43 -10.49 17.41
C SER A 179 21.69 -11.23 18.51
N ALA A 180 20.66 -10.60 19.08
CA ALA A 180 19.92 -11.21 20.17
C ALA A 180 18.79 -12.16 19.76
N ALA A 181 18.28 -11.99 18.54
CA ALA A 181 17.16 -12.78 18.06
C ALA A 181 17.16 -14.28 18.39
N PRO A 182 18.19 -15.00 17.99
CA PRO A 182 18.31 -16.45 18.23
C PRO A 182 18.08 -16.97 19.64
N HIS A 183 18.32 -16.16 20.65
CA HIS A 183 18.17 -16.65 22.02
C HIS A 183 16.97 -16.08 22.76
N LEU A 184 16.09 -15.42 22.05
CA LEU A 184 14.92 -14.84 22.70
C LEU A 184 13.81 -15.86 22.79
N LYS A 185 12.93 -15.69 23.77
CA LYS A 185 11.81 -16.60 23.94
C LYS A 185 10.75 -16.29 22.89
N SER A 186 9.72 -17.12 22.82
CA SER A 186 8.64 -16.93 21.87
C SER A 186 7.43 -16.37 22.58
N PRO A 187 6.60 -15.58 21.88
CA PRO A 187 6.73 -15.19 20.48
C PRO A 187 7.63 -14.01 20.17
N LEU A 188 8.25 -13.41 21.20
CA LEU A 188 9.12 -12.27 20.96
C LEU A 188 10.14 -12.53 19.86
N ARG A 189 10.77 -13.70 19.90
CA ARG A 189 11.76 -14.05 18.88
C ARG A 189 11.14 -13.92 17.49
N GLU A 190 9.96 -14.50 17.31
CA GLU A 190 9.30 -14.44 16.01
C GLU A 190 8.96 -13.01 15.68
N GLN A 191 8.54 -12.25 16.69
CA GLN A 191 8.21 -10.86 16.44
C GLN A 191 9.44 -10.09 15.96
N VAL A 192 10.57 -10.27 16.64
CA VAL A 192 11.78 -9.56 16.23
C VAL A 192 12.23 -9.98 14.83
N THR A 193 12.29 -11.27 14.58
CA THR A 193 12.70 -11.73 13.27
C THR A 193 11.80 -11.16 12.18
N HIS A 194 10.49 -11.10 12.45
CA HIS A 194 9.56 -10.58 11.48
C HIS A 194 9.77 -9.09 11.23
N ALA A 195 10.07 -8.34 12.29
CA ALA A 195 10.31 -6.92 12.11
C ALA A 195 11.57 -6.71 11.26
N LEU A 196 12.59 -7.54 11.50
CA LEU A 196 13.84 -7.42 10.75
C LEU A 196 13.60 -7.64 9.26
N GLU A 197 12.60 -8.45 8.93
CA GLU A 197 12.27 -8.70 7.53
C GLU A 197 11.28 -7.67 7.03
N GLN A 198 10.42 -7.20 7.91
CA GLN A 198 9.39 -6.24 7.54
C GLN A 198 9.04 -5.31 8.69
N CYS A 199 9.39 -4.03 8.57
CA CYS A 199 9.07 -3.10 9.64
C CYS A 199 7.56 -2.88 9.62
N LEU A 200 7.03 -2.46 10.76
CA LEU A 200 5.59 -2.26 10.86
C LEU A 200 5.03 -1.12 10.03
N HIS A 201 5.70 0.02 10.05
CA HIS A 201 5.25 1.21 9.34
C HIS A 201 5.10 1.10 7.82
N LYS A 202 5.93 0.25 7.20
CA LYS A 202 5.90 0.08 5.74
C LYS A 202 5.24 -1.20 5.22
N GLY A 203 4.51 -1.90 6.09
CA GLY A 203 3.85 -3.12 5.65
C GLY A 203 2.37 -2.87 5.39
N VAL A 204 1.74 -3.80 4.68
CA VAL A 204 0.33 -3.68 4.39
C VAL A 204 -0.41 -4.00 5.69
N PRO A 205 -1.29 -3.11 6.15
CA PRO A 205 -2.04 -3.29 7.40
C PRO A 205 -2.65 -4.68 7.63
N ARG A 206 -3.45 -5.17 6.69
CA ARG A 206 -4.05 -6.48 6.86
C ARG A 206 -3.00 -7.56 7.04
N VAL A 207 -1.96 -7.52 6.21
CA VAL A 207 -0.91 -8.51 6.29
C VAL A 207 -0.26 -8.54 7.66
N GLU A 208 0.20 -7.39 8.12
CA GLU A 208 0.84 -7.33 9.44
C GLU A 208 -0.10 -7.70 10.58
N THR A 209 -1.38 -7.37 10.42
CA THR A 209 -2.38 -7.67 11.43
C THR A 209 -2.65 -9.17 11.51
N ARG A 210 -2.65 -9.83 10.35
CA ARG A 210 -2.89 -11.26 10.30
C ARG A 210 -1.73 -11.94 11.00
N PHE A 211 -0.52 -11.47 10.74
CA PHE A 211 0.67 -12.05 11.35
C PHE A 211 0.71 -11.79 12.84
N PHE A 212 0.36 -10.58 13.26
CA PHE A 212 0.40 -10.27 14.68
C PHE A 212 -0.61 -11.09 15.48
N ILE A 213 -1.86 -11.16 15.03
CA ILE A 213 -2.89 -11.91 15.73
C ILE A 213 -2.51 -13.39 15.84
N SER A 214 -2.25 -14.03 14.70
CA SER A 214 -1.93 -15.45 14.67
C SER A 214 -0.58 -15.93 15.21
N SER A 215 0.50 -15.27 14.80
CA SER A 215 1.83 -15.69 15.23
C SER A 215 2.36 -15.04 16.49
N ILE A 216 1.79 -13.92 16.91
CA ILE A 216 2.33 -13.25 18.07
C ILE A 216 1.41 -13.11 19.27
N TYR A 217 0.37 -12.30 19.14
CA TYR A 217 -0.51 -12.08 20.27
C TYR A 217 -1.16 -13.36 20.77
N ASP A 218 -1.49 -14.26 19.85
CA ASP A 218 -2.13 -15.52 20.20
C ASP A 218 -1.18 -16.41 21.02
N LYS A 219 0.13 -16.23 20.85
CA LYS A 219 1.12 -17.02 21.57
C LYS A 219 1.63 -16.25 22.78
N GLU A 220 1.12 -15.03 22.95
CA GLU A 220 1.50 -14.19 24.07
C GLU A 220 0.86 -14.71 25.34
N GLN A 221 1.66 -14.87 26.39
CA GLN A 221 1.13 -15.37 27.65
C GLN A 221 0.40 -14.25 28.38
N SER A 222 0.91 -13.04 28.25
CA SER A 222 0.31 -11.87 28.88
C SER A 222 -0.87 -11.32 28.06
N LYS A 223 -1.13 -11.95 26.92
CA LYS A 223 -2.21 -11.52 26.05
C LYS A 223 -3.51 -11.17 26.78
N ASN A 224 -4.23 -10.20 26.25
CA ASN A 224 -5.51 -9.84 26.84
C ASN A 224 -6.54 -10.63 26.06
N ASN A 225 -7.24 -11.52 26.75
CA ASN A 225 -8.23 -12.38 26.11
C ASN A 225 -9.33 -11.61 25.40
N VAL A 226 -9.78 -10.52 26.00
CA VAL A 226 -10.83 -9.74 25.36
C VAL A 226 -10.34 -9.21 24.02
N LEU A 227 -9.18 -8.56 24.02
CA LEU A 227 -8.64 -7.99 22.79
C LEU A 227 -8.40 -9.03 21.71
N LEU A 228 -7.78 -10.14 22.09
CA LEU A 228 -7.52 -11.21 21.14
C LEU A 228 -8.83 -11.67 20.49
N ARG A 229 -9.82 -12.03 21.30
CA ARG A 229 -11.09 -12.49 20.75
C ARG A 229 -11.68 -11.44 19.83
N PHE A 230 -11.67 -10.19 20.30
CA PHE A 230 -12.19 -9.08 19.52
C PHE A 230 -11.46 -9.10 18.16
N ALA A 231 -10.13 -9.05 18.20
CA ALA A 231 -9.31 -9.07 17.01
C ALA A 231 -9.60 -10.22 16.05
N LYS A 232 -9.68 -11.46 16.57
CA LYS A 232 -9.94 -12.59 15.69
C LYS A 232 -11.33 -12.53 15.03
N LEU A 233 -12.36 -12.21 15.82
CA LEU A 233 -13.71 -12.15 15.28
C LEU A 233 -13.83 -11.04 14.25
N ASP A 234 -13.24 -9.88 14.54
CA ASP A 234 -13.31 -8.75 13.62
C ASP A 234 -12.61 -9.07 12.31
N PHE A 235 -11.41 -9.61 12.40
CA PHE A 235 -10.68 -9.96 11.19
C PHE A 235 -11.49 -10.96 10.37
N ASN A 236 -12.04 -11.98 11.02
CA ASN A 236 -12.80 -12.97 10.27
C ASN A 236 -14.10 -12.43 9.71
N LEU A 237 -14.74 -11.51 10.43
CA LEU A 237 -15.99 -10.94 9.92
C LEU A 237 -15.68 -10.07 8.70
N LEU A 238 -14.65 -9.23 8.77
CA LEU A 238 -14.31 -8.39 7.62
C LEU A 238 -13.90 -9.26 6.43
N GLN A 239 -13.26 -10.39 6.72
CA GLN A 239 -12.84 -11.31 5.66
C GLN A 239 -14.06 -11.74 4.85
N MET A 240 -15.19 -11.97 5.53
CA MET A 240 -16.41 -12.36 4.84
C MET A 240 -16.80 -11.29 3.83
N LEU A 241 -16.74 -10.03 4.25
CA LEU A 241 -17.09 -8.93 3.35
C LEU A 241 -16.11 -8.94 2.17
N HIS A 242 -14.82 -9.05 2.47
CA HIS A 242 -13.82 -9.06 1.42
C HIS A 242 -14.11 -10.17 0.43
N LYS A 243 -14.36 -11.37 0.94
CA LYS A 243 -14.64 -12.51 0.07
C LYS A 243 -15.85 -12.27 -0.85
N GLN A 244 -16.88 -11.60 -0.35
CA GLN A 244 -18.04 -11.30 -1.18
C GLN A 244 -17.64 -10.34 -2.28
N GLU A 245 -16.90 -9.30 -1.90
CA GLU A 245 -16.46 -8.30 -2.86
C GLU A 245 -15.69 -9.00 -3.98
N LEU A 246 -14.73 -9.82 -3.60
CA LEU A 246 -13.91 -10.54 -4.58
C LEU A 246 -14.77 -11.50 -5.41
N ALA A 247 -15.89 -11.93 -4.86
CA ALA A 247 -16.78 -12.84 -5.57
C ALA A 247 -17.49 -12.02 -6.62
N GLN A 248 -18.05 -10.90 -6.19
CA GLN A 248 -18.75 -10.00 -7.08
C GLN A 248 -17.84 -9.53 -8.20
N VAL A 249 -16.60 -9.17 -7.85
CA VAL A 249 -15.63 -8.71 -8.82
C VAL A 249 -15.18 -9.84 -9.76
N SER A 250 -15.08 -11.05 -9.24
CA SER A 250 -14.67 -12.18 -10.07
C SER A 250 -15.72 -12.48 -11.12
N ARG A 251 -16.99 -12.30 -10.78
CA ARG A 251 -18.08 -12.53 -11.71
C ARG A 251 -18.09 -11.45 -12.78
N TRP A 252 -17.93 -10.21 -12.34
CA TRP A 252 -17.90 -9.07 -13.26
C TRP A 252 -16.80 -9.31 -14.29
N TRP A 253 -15.68 -9.85 -13.83
CA TRP A 253 -14.54 -10.13 -14.70
C TRP A 253 -14.83 -11.29 -15.63
N LYS A 254 -15.67 -12.20 -15.15
CA LYS A 254 -16.08 -13.39 -15.89
C LYS A 254 -17.02 -12.94 -17.01
N ASP A 255 -17.92 -12.01 -16.69
CA ASP A 255 -18.87 -11.49 -17.65
C ASP A 255 -18.25 -10.46 -18.59
N LEU A 256 -16.97 -10.60 -18.86
CA LEU A 256 -16.25 -9.71 -19.76
C LEU A 256 -15.48 -10.63 -20.69
N ASP A 257 -15.21 -11.83 -20.17
CA ASP A 257 -14.54 -12.89 -20.90
C ASP A 257 -13.28 -12.47 -21.68
N PHE A 258 -12.49 -11.56 -21.13
CA PHE A 258 -11.27 -11.15 -21.83
C PHE A 258 -10.30 -12.32 -21.86
N VAL A 259 -10.47 -13.25 -20.93
CA VAL A 259 -9.60 -14.42 -20.82
C VAL A 259 -9.56 -15.21 -22.12
N THR A 260 -10.58 -15.02 -22.96
CA THR A 260 -10.63 -15.72 -24.24
C THR A 260 -10.56 -14.75 -25.43
N THR A 261 -11.36 -13.69 -25.38
CA THR A 261 -11.38 -12.67 -26.45
C THR A 261 -10.04 -11.94 -26.54
N LEU A 262 -9.46 -11.59 -25.40
CA LEU A 262 -8.19 -10.89 -25.36
C LEU A 262 -7.13 -11.81 -24.75
N PRO A 263 -6.85 -12.95 -25.40
CA PRO A 263 -5.87 -13.94 -24.97
C PRO A 263 -4.50 -13.39 -24.55
N TYR A 264 -4.10 -12.25 -25.09
CA TYR A 264 -2.80 -11.69 -24.74
C TYR A 264 -2.79 -11.15 -23.32
N ALA A 265 -3.94 -10.69 -22.84
CA ALA A 265 -4.05 -10.15 -21.48
C ALA A 265 -4.09 -11.25 -20.43
N ARG A 266 -3.27 -11.10 -19.40
CA ARG A 266 -3.23 -12.08 -18.32
C ARG A 266 -4.29 -11.83 -17.24
N ASP A 267 -4.87 -12.91 -16.74
CA ASP A 267 -5.91 -12.85 -15.72
C ASP A 267 -5.28 -12.72 -14.32
N ARG A 268 -5.44 -11.55 -13.71
CA ARG A 268 -4.88 -11.32 -12.39
C ARG A 268 -5.81 -10.52 -11.47
N VAL A 269 -7.11 -10.73 -11.62
CA VAL A 269 -8.08 -10.01 -10.80
C VAL A 269 -7.88 -10.26 -9.31
N VAL A 270 -7.61 -11.51 -8.94
CA VAL A 270 -7.41 -11.85 -7.54
C VAL A 270 -6.25 -11.00 -6.97
N GLU A 271 -5.17 -10.88 -7.73
CA GLU A 271 -4.03 -10.09 -7.30
C GLU A 271 -4.40 -8.60 -7.29
N CYS A 272 -5.19 -8.18 -8.28
CA CYS A 272 -5.63 -6.79 -8.34
C CYS A 272 -6.45 -6.49 -7.10
N TYR A 273 -7.34 -7.40 -6.75
CA TYR A 273 -8.17 -7.19 -5.57
C TYR A 273 -7.32 -7.09 -4.32
N PHE A 274 -6.26 -7.88 -4.24
CA PHE A 274 -5.38 -7.85 -3.07
C PHE A 274 -4.84 -6.43 -2.93
N TRP A 275 -4.48 -5.86 -4.07
CA TRP A 275 -3.95 -4.52 -4.13
C TRP A 275 -4.97 -3.53 -3.58
N ALA A 276 -6.20 -3.65 -4.04
CA ALA A 276 -7.27 -2.77 -3.59
C ALA A 276 -7.46 -2.93 -2.09
N LEU A 277 -7.39 -4.17 -1.61
CA LEU A 277 -7.57 -4.43 -0.18
C LEU A 277 -6.44 -3.82 0.63
N GLY A 278 -5.30 -3.64 -0.03
CA GLY A 278 -4.14 -3.06 0.63
C GLY A 278 -4.28 -1.55 0.77
N VAL A 279 -5.01 -0.95 -0.16
CA VAL A 279 -5.24 0.49 -0.13
C VAL A 279 -6.11 0.83 1.07
N TYR A 280 -7.22 0.11 1.22
CA TYR A 280 -8.09 0.26 2.38
C TYR A 280 -8.85 -1.05 2.57
N PHE A 281 -9.01 -1.45 3.84
CA PHE A 281 -9.69 -2.70 4.18
C PHE A 281 -10.98 -2.51 4.97
N GLU A 282 -11.14 -1.36 5.59
CA GLU A 282 -12.34 -1.08 6.39
C GLU A 282 -13.63 -1.28 5.57
N PRO A 283 -14.71 -1.72 6.24
CA PRO A 283 -15.99 -1.94 5.57
C PRO A 283 -16.58 -0.70 4.89
N GLN A 284 -16.43 0.45 5.52
CA GLN A 284 -16.97 1.69 4.94
C GLN A 284 -16.42 1.97 3.55
N TYR A 285 -15.33 1.32 3.19
CA TYR A 285 -14.70 1.54 1.89
C TYR A 285 -14.96 0.40 0.91
N SER A 286 -16.04 -0.33 1.16
CA SER A 286 -16.39 -1.44 0.30
C SER A 286 -16.64 -1.01 -1.15
N GLN A 287 -17.43 0.04 -1.35
CA GLN A 287 -17.72 0.53 -2.70
C GLN A 287 -16.45 1.02 -3.38
N ALA A 288 -15.64 1.75 -2.62
CA ALA A 288 -14.37 2.25 -3.13
C ALA A 288 -13.53 1.08 -3.66
N ARG A 289 -13.32 0.08 -2.79
CA ARG A 289 -12.53 -1.08 -3.16
C ARG A 289 -12.98 -1.73 -4.46
N VAL A 290 -14.27 -1.97 -4.58
CA VAL A 290 -14.80 -2.59 -5.78
C VAL A 290 -14.52 -1.73 -7.00
N MET A 291 -14.67 -0.42 -6.87
CA MET A 291 -14.38 0.46 -7.98
C MET A 291 -12.89 0.38 -8.30
N LEU A 292 -12.06 0.54 -7.27
CA LEU A 292 -10.61 0.50 -7.43
C LEU A 292 -10.08 -0.75 -8.13
N VAL A 293 -10.55 -1.93 -7.72
CA VAL A 293 -10.07 -3.16 -8.31
C VAL A 293 -10.45 -3.28 -9.80
N LYS A 294 -11.64 -2.81 -10.16
CA LYS A 294 -12.06 -2.86 -11.56
C LYS A 294 -11.13 -2.01 -12.41
N THR A 295 -10.70 -0.87 -11.88
CA THR A 295 -9.78 0.00 -12.61
C THR A 295 -8.42 -0.67 -12.76
N ILE A 296 -7.89 -1.21 -11.67
CA ILE A 296 -6.61 -1.90 -11.70
C ILE A 296 -6.61 -3.05 -12.71
N SER A 297 -7.68 -3.83 -12.71
CA SER A 297 -7.78 -4.94 -13.66
C SER A 297 -7.82 -4.39 -15.08
N MET A 298 -8.69 -3.40 -15.27
CA MET A 298 -8.86 -2.77 -16.57
C MET A 298 -7.56 -2.20 -17.10
N ILE A 299 -6.89 -1.37 -16.31
CA ILE A 299 -5.64 -0.75 -16.73
C ILE A 299 -4.56 -1.82 -16.93
N SER A 300 -4.78 -2.98 -16.34
CA SER A 300 -3.84 -4.09 -16.46
C SER A 300 -3.82 -4.55 -17.92
N ILE A 301 -5.00 -4.62 -18.52
CA ILE A 301 -5.14 -5.02 -19.89
C ILE A 301 -4.44 -4.00 -20.78
N VAL A 302 -4.83 -2.74 -20.61
CA VAL A 302 -4.24 -1.67 -21.40
C VAL A 302 -2.72 -1.84 -21.41
N ASP A 303 -2.13 -2.11 -20.26
CA ASP A 303 -0.68 -2.29 -20.19
C ASP A 303 -0.23 -3.43 -21.07
N ASP A 304 -0.77 -4.63 -20.85
CA ASP A 304 -0.40 -5.80 -21.64
C ASP A 304 -0.57 -5.47 -23.14
N THR A 305 -1.65 -4.77 -23.46
CA THR A 305 -1.92 -4.39 -24.83
C THR A 305 -0.77 -3.58 -25.42
N PHE A 306 -0.22 -2.67 -24.62
CA PHE A 306 0.87 -1.83 -25.08
C PHE A 306 2.25 -2.45 -25.22
N ASP A 307 2.66 -3.28 -24.26
CA ASP A 307 3.99 -3.85 -24.36
C ASP A 307 4.04 -5.36 -24.53
N ALA A 308 2.99 -5.92 -25.13
CA ALA A 308 2.96 -7.36 -25.34
C ALA A 308 2.00 -7.82 -26.44
N TYR A 309 1.54 -6.92 -27.30
CA TYR A 309 0.63 -7.35 -28.35
C TYR A 309 0.36 -6.37 -29.50
N GLY A 310 0.14 -5.10 -29.18
CA GLY A 310 -0.14 -4.12 -30.21
C GLY A 310 1.07 -3.65 -30.99
N THR A 311 0.81 -3.13 -32.19
CA THR A 311 1.88 -2.62 -33.05
C THR A 311 1.97 -1.11 -32.89
N VAL A 312 3.12 -0.55 -33.20
CA VAL A 312 3.35 0.89 -33.07
C VAL A 312 2.18 1.70 -33.62
N LYS A 313 1.62 1.25 -34.73
CA LYS A 313 0.50 1.95 -35.36
C LYS A 313 -0.80 1.77 -34.60
N GLU A 314 -1.06 0.55 -34.13
CA GLU A 314 -2.28 0.27 -33.38
C GLU A 314 -2.26 1.02 -32.05
N LEU A 315 -1.09 1.05 -31.41
CA LEU A 315 -0.97 1.75 -30.14
C LEU A 315 -1.16 3.25 -30.33
N GLU A 316 -0.69 3.75 -31.46
CA GLU A 316 -0.82 5.17 -31.77
C GLU A 316 -2.32 5.48 -31.86
N ALA A 317 -3.07 4.59 -32.51
CA ALA A 317 -4.50 4.77 -32.66
C ALA A 317 -5.22 4.65 -31.33
N TYR A 318 -4.74 3.72 -30.51
CA TYR A 318 -5.32 3.48 -29.19
C TYR A 318 -5.18 4.72 -28.30
N THR A 319 -3.95 5.22 -28.20
CA THR A 319 -3.69 6.39 -27.37
C THR A 319 -4.56 7.53 -27.85
N ASP A 320 -4.76 7.60 -29.16
CA ASP A 320 -5.58 8.66 -29.72
C ASP A 320 -7.03 8.55 -29.25
N ALA A 321 -7.64 7.39 -29.46
CA ALA A 321 -9.02 7.18 -29.06
C ALA A 321 -9.21 7.44 -27.57
N ILE A 322 -8.22 7.10 -26.77
CA ILE A 322 -8.26 7.31 -25.33
C ILE A 322 -8.35 8.80 -25.01
N GLN A 323 -7.55 9.60 -25.71
CA GLN A 323 -7.56 11.05 -25.47
C GLN A 323 -8.91 11.66 -25.85
N ARG A 324 -9.45 11.28 -27.01
CA ARG A 324 -10.73 11.82 -27.46
C ARG A 324 -11.86 11.30 -26.57
N TRP A 325 -11.73 10.06 -26.14
CA TRP A 325 -12.70 9.46 -25.23
C TRP A 325 -14.14 9.70 -25.68
N ASP A 326 -14.60 8.87 -26.62
CA ASP A 326 -15.96 8.95 -27.15
C ASP A 326 -16.18 7.68 -27.95
N ILE A 327 -17.29 6.99 -27.65
CA ILE A 327 -17.61 5.74 -28.32
C ILE A 327 -17.42 5.78 -29.83
N ASN A 328 -17.66 6.94 -30.42
CA ASN A 328 -17.51 7.12 -31.87
C ASN A 328 -16.15 6.72 -32.43
N GLU A 329 -15.13 6.67 -31.58
CA GLU A 329 -13.80 6.33 -32.05
C GLU A 329 -13.59 4.84 -32.27
N ILE A 330 -14.54 4.03 -31.81
CA ILE A 330 -14.43 2.57 -31.94
C ILE A 330 -13.93 2.11 -33.31
N ASP A 331 -14.68 2.46 -34.35
CA ASP A 331 -14.33 2.08 -35.72
C ASP A 331 -12.90 2.44 -36.11
N ARG A 332 -12.35 3.48 -35.50
CA ARG A 332 -10.99 3.90 -35.80
C ARG A 332 -9.98 2.87 -35.25
N LEU A 333 -10.43 2.04 -34.33
CA LEU A 333 -9.57 1.02 -33.70
C LEU A 333 -9.72 -0.40 -34.22
N PRO A 334 -8.63 -1.19 -34.14
CA PRO A 334 -8.62 -2.58 -34.59
C PRO A 334 -9.67 -3.35 -33.82
N ASP A 335 -10.02 -4.54 -34.29
CA ASP A 335 -11.03 -5.34 -33.63
C ASP A 335 -10.79 -5.64 -32.16
N TYR A 336 -9.61 -6.17 -31.83
CA TYR A 336 -9.33 -6.50 -30.44
C TYR A 336 -9.34 -5.27 -29.54
N MET A 337 -8.77 -4.17 -30.02
CA MET A 337 -8.73 -2.94 -29.25
C MET A 337 -10.14 -2.37 -29.09
N LYS A 338 -11.09 -2.90 -29.85
CA LYS A 338 -12.46 -2.42 -29.75
C LYS A 338 -13.05 -2.94 -28.44
N ILE A 339 -12.71 -4.18 -28.10
CA ILE A 339 -13.20 -4.80 -26.88
C ILE A 339 -12.72 -3.98 -25.67
N SER A 340 -11.41 -3.73 -25.61
CA SER A 340 -10.80 -2.97 -24.53
C SER A 340 -11.46 -1.59 -24.38
N TYR A 341 -11.39 -0.84 -25.48
CA TYR A 341 -11.93 0.52 -25.52
C TYR A 341 -13.37 0.66 -25.05
N LYS A 342 -14.28 -0.16 -25.58
CA LYS A 342 -15.68 -0.07 -25.16
C LYS A 342 -15.82 -0.48 -23.69
N ALA A 343 -15.12 -1.53 -23.30
CA ALA A 343 -15.18 -2.00 -21.92
C ALA A 343 -14.78 -0.85 -20.98
N ILE A 344 -13.71 -0.14 -21.34
CA ILE A 344 -13.23 0.98 -20.54
C ILE A 344 -14.27 2.08 -20.39
N LEU A 345 -14.83 2.55 -21.50
CA LEU A 345 -15.83 3.62 -21.43
C LEU A 345 -17.03 3.23 -20.60
N ASP A 346 -17.44 1.97 -20.70
CA ASP A 346 -18.59 1.47 -19.92
C ASP A 346 -18.28 1.49 -18.43
N LEU A 347 -17.08 1.04 -18.10
CA LEU A 347 -16.65 1.03 -16.71
C LEU A 347 -16.87 2.42 -16.13
N TYR A 348 -16.31 3.42 -16.79
CA TYR A 348 -16.44 4.80 -16.32
C TYR A 348 -17.89 5.27 -16.40
N LYS A 349 -18.69 4.63 -17.25
CA LYS A 349 -20.09 4.98 -17.35
C LYS A 349 -20.80 4.37 -16.14
N ASP A 350 -20.33 3.20 -15.70
CA ASP A 350 -20.92 2.56 -14.53
C ASP A 350 -20.60 3.40 -13.28
N TYR A 351 -19.34 3.78 -13.16
CA TYR A 351 -18.91 4.59 -12.02
C TYR A 351 -19.82 5.78 -11.84
N GLU A 352 -20.12 6.46 -12.94
CA GLU A 352 -20.99 7.63 -12.92
C GLU A 352 -22.37 7.26 -12.39
N LYS A 353 -22.87 6.11 -12.81
CA LYS A 353 -24.18 5.65 -12.37
C LYS A 353 -24.23 5.38 -10.86
N GLU A 354 -23.19 4.76 -10.33
CA GLU A 354 -23.11 4.43 -8.90
C GLU A 354 -23.05 5.68 -8.04
N LEU A 355 -22.38 6.70 -8.57
CA LEU A 355 -22.23 7.95 -7.86
C LEU A 355 -23.41 8.90 -8.09
N SER A 356 -24.29 8.53 -9.02
CA SER A 356 -25.46 9.35 -9.32
C SER A 356 -26.29 9.51 -8.06
N SER A 357 -26.49 8.39 -7.37
CA SER A 357 -27.25 8.34 -6.14
C SER A 357 -26.80 9.39 -5.12
N ALA A 358 -25.57 9.86 -5.23
CA ALA A 358 -25.06 10.85 -4.29
C ALA A 358 -24.53 12.10 -4.99
N GLY A 359 -24.96 12.30 -6.24
CA GLY A 359 -24.53 13.46 -7.00
C GLY A 359 -23.03 13.66 -6.96
N ARG A 360 -22.28 12.61 -7.29
CA ARG A 360 -20.83 12.70 -7.29
C ARG A 360 -20.23 12.24 -8.62
N SER A 361 -21.09 11.86 -9.55
CA SER A 361 -20.63 11.39 -10.87
C SER A 361 -19.71 12.40 -11.53
N HIS A 362 -19.75 13.63 -11.06
CA HIS A 362 -18.95 14.70 -11.62
C HIS A 362 -17.47 14.61 -11.28
N ILE A 363 -17.08 13.68 -10.43
CA ILE A 363 -15.67 13.55 -10.06
C ILE A 363 -14.98 12.50 -10.91
N VAL A 364 -15.75 11.60 -11.50
CA VAL A 364 -15.19 10.55 -12.34
C VAL A 364 -14.18 11.07 -13.35
N CYS A 365 -14.41 12.26 -13.89
CA CYS A 365 -13.51 12.83 -14.89
C CYS A 365 -12.05 12.93 -14.42
N HIS A 366 -11.83 13.11 -13.13
CA HIS A 366 -10.47 13.20 -12.60
C HIS A 366 -9.74 11.88 -12.83
N ALA A 367 -10.43 10.77 -12.59
CA ALA A 367 -9.82 9.47 -12.80
C ALA A 367 -9.62 9.28 -14.30
N ILE A 368 -10.59 9.75 -15.09
CA ILE A 368 -10.49 9.65 -16.54
C ILE A 368 -9.28 10.39 -17.08
N GLU A 369 -9.10 11.65 -16.67
CA GLU A 369 -7.96 12.43 -17.14
C GLU A 369 -6.64 11.76 -16.77
N ARG A 370 -6.59 11.19 -15.57
CA ARG A 370 -5.40 10.50 -15.09
C ARG A 370 -5.14 9.23 -15.90
N MET A 371 -6.20 8.63 -16.44
CA MET A 371 -6.03 7.43 -17.22
C MET A 371 -5.43 7.81 -18.57
N LYS A 372 -5.96 8.87 -19.17
CA LYS A 372 -5.48 9.34 -20.46
C LYS A 372 -3.98 9.60 -20.32
N GLU A 373 -3.59 10.19 -19.20
CA GLU A 373 -2.19 10.48 -18.94
C GLU A 373 -1.36 9.19 -18.93
N VAL A 374 -1.88 8.16 -18.27
CA VAL A 374 -1.18 6.88 -18.20
C VAL A 374 -1.00 6.33 -19.61
N VAL A 375 -2.05 6.46 -20.43
CA VAL A 375 -1.99 5.97 -21.79
C VAL A 375 -0.95 6.73 -22.61
N ARG A 376 -0.99 8.06 -22.53
CA ARG A 376 -0.02 8.86 -23.28
C ARG A 376 1.38 8.34 -23.03
N ASN A 377 1.75 8.26 -21.74
CA ASN A 377 3.08 7.81 -21.35
C ASN A 377 3.38 6.36 -21.73
N TYR A 378 2.36 5.51 -21.81
CA TYR A 378 2.61 4.12 -22.22
C TYR A 378 3.09 4.21 -23.66
N ASN A 379 2.32 4.93 -24.46
CA ASN A 379 2.62 5.14 -25.86
C ASN A 379 4.04 5.71 -26.03
N VAL A 380 4.41 6.67 -25.19
CA VAL A 380 5.74 7.22 -25.29
C VAL A 380 6.76 6.12 -24.98
N GLU A 381 6.50 5.38 -23.92
CA GLU A 381 7.39 4.30 -23.50
C GLU A 381 7.63 3.35 -24.65
N SER A 382 6.59 3.14 -25.46
CA SER A 382 6.67 2.27 -26.62
C SER A 382 7.61 2.90 -27.65
N THR A 383 7.34 4.17 -27.98
CA THR A 383 8.16 4.87 -28.95
C THR A 383 9.63 4.82 -28.56
N TRP A 384 9.91 5.00 -27.27
CA TRP A 384 11.30 4.95 -26.82
C TRP A 384 11.85 3.55 -27.04
N PHE A 385 11.00 2.55 -26.84
CA PHE A 385 11.42 1.17 -27.01
C PHE A 385 11.77 0.91 -28.47
N ILE A 386 10.84 1.24 -29.35
CA ILE A 386 11.02 1.05 -30.79
C ILE A 386 12.28 1.74 -31.32
N GLU A 387 12.51 2.98 -30.88
CA GLU A 387 13.67 3.75 -31.33
C GLU A 387 14.97 3.36 -30.65
N GLY A 388 14.89 2.60 -29.55
CA GLY A 388 16.10 2.22 -28.86
C GLY A 388 16.64 3.43 -28.14
N TYR A 389 15.73 4.32 -27.74
CA TYR A 389 16.09 5.55 -27.04
C TYR A 389 16.37 5.35 -25.56
N THR A 390 17.45 5.95 -25.08
CA THR A 390 17.84 5.89 -23.67
C THR A 390 17.91 7.31 -23.15
N PRO A 391 16.79 7.83 -22.62
CA PRO A 391 16.81 9.20 -22.10
C PRO A 391 17.59 9.37 -20.82
N PRO A 392 17.91 10.63 -20.48
CA PRO A 392 18.65 10.88 -19.24
C PRO A 392 17.65 10.65 -18.10
N VAL A 393 18.13 10.44 -16.88
CA VAL A 393 17.24 10.18 -15.76
C VAL A 393 16.07 11.16 -15.70
N SER A 394 16.40 12.44 -15.79
CA SER A 394 15.36 13.47 -15.75
C SER A 394 14.21 13.21 -16.73
N GLU A 395 14.52 13.10 -18.02
CA GLU A 395 13.49 12.86 -19.01
C GLU A 395 12.78 11.54 -18.75
N TYR A 396 13.54 10.52 -18.36
CA TYR A 396 12.98 9.22 -18.08
C TYR A 396 11.85 9.29 -17.06
N LEU A 397 12.16 9.85 -15.89
CA LEU A 397 11.17 9.96 -14.83
C LEU A 397 9.98 10.81 -15.26
N SER A 398 10.23 11.82 -16.09
CA SER A 398 9.13 12.67 -16.52
C SER A 398 8.05 11.82 -17.17
N ASN A 399 8.45 10.66 -17.70
CA ASN A 399 7.50 9.77 -18.34
C ASN A 399 7.18 8.52 -17.51
N ALA A 400 8.22 7.88 -16.98
CA ALA A 400 8.06 6.64 -16.20
C ALA A 400 7.32 6.77 -14.88
N LEU A 401 7.22 7.97 -14.31
CA LEU A 401 6.49 8.08 -13.06
C LEU A 401 5.02 7.79 -13.25
N ALA A 402 4.41 8.39 -14.26
CA ALA A 402 2.98 8.15 -14.49
C ALA A 402 2.69 6.70 -14.91
N THR A 403 3.62 6.06 -15.61
CA THR A 403 3.40 4.69 -16.07
C THR A 403 3.36 3.69 -14.93
N THR A 404 3.64 4.12 -13.70
CA THR A 404 3.56 3.25 -12.54
C THR A 404 2.07 3.04 -12.32
N THR A 405 1.30 4.03 -12.77
CA THR A 405 -0.16 4.10 -12.67
C THR A 405 -0.59 4.64 -11.31
N TYR A 406 0.39 5.02 -10.50
CA TYR A 406 0.08 5.52 -9.16
C TYR A 406 -0.73 6.82 -9.05
N TYR A 407 -0.47 7.81 -9.89
CA TYR A 407 -1.25 9.03 -9.82
C TYR A 407 -2.70 8.64 -10.07
N TYR A 408 -2.85 7.72 -11.02
CA TYR A 408 -4.14 7.19 -11.44
C TYR A 408 -4.86 6.34 -10.37
N LEU A 409 -4.15 5.43 -9.71
CA LEU A 409 -4.79 4.59 -8.69
C LEU A 409 -5.15 5.42 -7.47
N ALA A 410 -4.29 6.36 -7.12
CA ALA A 410 -4.58 7.21 -5.97
C ALA A 410 -5.85 8.01 -6.29
N THR A 411 -5.94 8.53 -7.50
CA THR A 411 -7.11 9.31 -7.87
C THR A 411 -8.31 8.38 -7.85
N THR A 412 -8.15 7.21 -8.45
CA THR A 412 -9.23 6.24 -8.50
C THR A 412 -9.71 5.79 -7.13
N SER A 413 -8.83 5.79 -6.14
CA SER A 413 -9.22 5.36 -4.80
C SER A 413 -10.17 6.33 -4.11
N TYR A 414 -10.22 7.58 -4.57
CA TYR A 414 -11.12 8.56 -3.97
C TYR A 414 -12.56 8.39 -4.50
N LEU A 415 -12.69 7.89 -5.72
CA LEU A 415 -14.00 7.71 -6.33
C LEU A 415 -15.05 7.12 -5.39
N GLY A 416 -14.72 5.99 -4.77
CA GLY A 416 -15.68 5.35 -3.89
C GLY A 416 -15.81 5.94 -2.49
N MET A 417 -14.91 6.83 -2.12
CA MET A 417 -14.97 7.41 -0.79
C MET A 417 -16.04 8.49 -0.65
N LYS A 418 -17.09 8.16 0.10
CA LYS A 418 -18.21 9.08 0.31
C LYS A 418 -17.79 10.50 0.65
N SER A 419 -16.80 10.64 1.52
CA SER A 419 -16.31 11.94 1.97
C SER A 419 -15.47 12.72 0.99
N ALA A 420 -15.07 12.08 -0.10
CA ALA A 420 -14.24 12.78 -1.08
C ALA A 420 -15.00 13.95 -1.67
N THR A 421 -14.32 15.09 -1.81
CA THR A 421 -14.93 16.28 -2.38
C THR A 421 -14.05 16.77 -3.53
N GLU A 422 -14.56 17.73 -4.30
CA GLU A 422 -13.79 18.29 -5.41
C GLU A 422 -12.47 18.88 -4.97
N GLN A 423 -12.47 19.48 -3.78
CA GLN A 423 -11.27 20.12 -3.23
C GLN A 423 -10.16 19.10 -3.03
N ASP A 424 -10.55 17.90 -2.61
CA ASP A 424 -9.57 16.84 -2.38
C ASP A 424 -8.95 16.43 -3.71
N PHE A 425 -9.79 16.17 -4.71
CA PHE A 425 -9.30 15.79 -6.04
C PHE A 425 -8.43 16.93 -6.60
N GLU A 426 -8.88 18.16 -6.31
CA GLU A 426 -8.19 19.36 -6.77
C GLU A 426 -6.77 19.31 -6.25
N TRP A 427 -6.65 19.06 -4.95
CA TRP A 427 -5.36 18.98 -4.29
C TRP A 427 -4.52 17.87 -4.91
N LEU A 428 -5.15 16.74 -5.19
CA LEU A 428 -4.46 15.59 -5.76
C LEU A 428 -3.97 15.84 -7.18
N SER A 429 -4.71 16.65 -7.93
CA SER A 429 -4.34 16.93 -9.31
C SER A 429 -3.05 17.73 -9.41
N LYS A 430 -2.73 18.49 -8.37
CA LYS A 430 -1.52 19.28 -8.39
C LYS A 430 -0.26 18.48 -8.03
N ASN A 431 -0.40 17.16 -7.99
CA ASN A 431 0.70 16.24 -7.65
C ASN A 431 1.40 16.65 -6.36
N PRO A 432 0.70 16.54 -5.22
CA PRO A 432 1.28 16.90 -3.93
C PRO A 432 2.51 16.07 -3.62
N LYS A 433 3.38 16.60 -2.78
CA LYS A 433 4.60 15.91 -2.39
C LYS A 433 4.39 14.46 -2.01
N ILE A 434 3.52 14.22 -1.03
CA ILE A 434 3.22 12.88 -0.55
C ILE A 434 2.88 11.90 -1.66
N LEU A 435 2.12 12.35 -2.65
CA LEU A 435 1.76 11.47 -3.77
C LEU A 435 2.97 11.20 -4.64
N GLU A 436 3.74 12.26 -4.91
CA GLU A 436 4.92 12.16 -5.73
C GLU A 436 5.86 11.12 -5.12
N ALA A 437 6.07 11.21 -3.81
CA ALA A 437 6.95 10.28 -3.11
C ALA A 437 6.45 8.85 -3.24
N SER A 438 5.15 8.65 -3.12
CA SER A 438 4.60 7.33 -3.25
C SER A 438 4.84 6.82 -4.67
N VAL A 439 4.72 7.71 -5.65
CA VAL A 439 4.93 7.32 -7.04
C VAL A 439 6.39 7.00 -7.30
N ILE A 440 7.30 7.80 -6.76
CA ILE A 440 8.71 7.55 -6.94
C ILE A 440 9.08 6.17 -6.39
N ILE A 441 8.64 5.91 -5.16
CA ILE A 441 8.91 4.63 -4.50
C ILE A 441 8.51 3.46 -5.41
N CYS A 442 7.32 3.53 -5.97
CA CYS A 442 6.85 2.47 -6.85
C CYS A 442 7.74 2.34 -8.08
N ARG A 443 8.06 3.47 -8.72
CA ARG A 443 8.91 3.49 -9.91
C ARG A 443 10.33 3.00 -9.62
N VAL A 444 10.93 3.59 -8.61
CA VAL A 444 12.28 3.26 -8.21
C VAL A 444 12.47 1.80 -7.78
N ILE A 445 11.49 1.21 -7.11
CA ILE A 445 11.61 -0.17 -6.67
C ILE A 445 11.29 -1.14 -7.79
N ASP A 446 10.30 -0.82 -8.60
CA ASP A 446 9.97 -1.71 -9.70
C ASP A 446 11.23 -1.78 -10.56
N ASP A 447 11.80 -0.61 -10.86
CA ASP A 447 13.00 -0.53 -11.68
C ASP A 447 14.16 -1.37 -11.15
N THR A 448 14.44 -1.28 -9.85
CA THR A 448 15.52 -2.07 -9.27
C THR A 448 15.23 -3.56 -9.41
N ALA A 449 14.01 -3.97 -9.06
CA ALA A 449 13.63 -5.37 -9.11
C ALA A 449 13.50 -5.94 -10.52
N THR A 450 13.14 -5.11 -11.48
CA THR A 450 12.98 -5.60 -12.84
C THR A 450 14.10 -5.18 -13.80
N TYR A 451 15.28 -4.86 -13.26
CA TYR A 451 16.37 -4.45 -14.14
C TYR A 451 16.94 -5.60 -14.97
N GLU A 452 17.21 -6.74 -14.33
CA GLU A 452 17.75 -7.89 -15.04
C GLU A 452 16.85 -8.24 -16.22
N VAL A 453 15.58 -8.50 -15.94
CA VAL A 453 14.62 -8.78 -17.01
C VAL A 453 14.56 -7.45 -17.76
N GLU A 454 13.83 -7.38 -18.87
CA GLU A 454 13.75 -6.13 -19.62
C GLU A 454 15.10 -5.84 -20.27
N LYS A 455 16.17 -5.91 -19.47
CA LYS A 455 17.51 -5.68 -20.00
C LYS A 455 17.74 -6.82 -20.95
N SER A 456 17.53 -8.03 -20.45
CA SER A 456 17.67 -9.25 -21.24
C SER A 456 16.35 -9.32 -21.99
N ARG A 457 16.10 -8.26 -22.75
CA ARG A 457 14.89 -8.08 -23.52
C ARG A 457 15.13 -6.71 -24.17
N GLY A 458 14.25 -6.28 -25.07
CA GLY A 458 14.47 -5.01 -25.72
C GLY A 458 14.68 -3.84 -24.76
N GLN A 459 13.60 -3.44 -24.11
CA GLN A 459 13.56 -2.34 -23.15
C GLN A 459 14.92 -1.89 -22.59
N ILE A 460 15.61 -1.05 -23.35
CA ILE A 460 16.91 -0.54 -22.92
C ILE A 460 16.72 0.84 -22.30
N ALA A 461 15.46 1.22 -22.14
CA ALA A 461 15.10 2.51 -21.57
C ALA A 461 14.76 2.39 -20.08
N THR A 462 15.04 1.24 -19.48
CA THR A 462 14.75 1.02 -18.07
C THR A 462 15.45 2.05 -17.19
N GLY A 463 14.84 2.34 -16.05
CA GLY A 463 15.39 3.30 -15.12
C GLY A 463 16.86 3.13 -14.79
N ILE A 464 17.26 1.94 -14.37
CA ILE A 464 18.66 1.69 -14.01
C ILE A 464 19.61 1.96 -15.18
N GLU A 465 19.19 1.59 -16.39
CA GLU A 465 20.02 1.81 -17.58
C GLU A 465 20.25 3.31 -17.76
N CYS A 466 19.16 4.06 -17.87
CA CYS A 466 19.23 5.51 -18.04
C CYS A 466 20.13 6.08 -16.96
N CYS A 467 19.92 5.61 -15.74
CA CYS A 467 20.70 6.10 -14.62
C CYS A 467 22.19 5.82 -14.81
N MET A 468 22.52 4.63 -15.29
CA MET A 468 23.90 4.26 -15.52
C MET A 468 24.54 5.13 -16.62
N ARG A 469 23.87 5.22 -17.77
CA ARG A 469 24.38 6.02 -18.87
C ARG A 469 24.48 7.48 -18.45
N ASP A 470 23.38 8.04 -17.98
CA ASP A 470 23.33 9.42 -17.55
C ASP A 470 24.49 9.82 -16.64
N TYR A 471 24.61 9.13 -15.50
CA TYR A 471 25.66 9.43 -14.52
C TYR A 471 26.98 8.71 -14.75
N GLY A 472 27.00 7.77 -15.68
CA GLY A 472 28.22 7.03 -15.96
C GLY A 472 28.67 6.23 -14.75
N ILE A 473 27.78 5.45 -14.19
CA ILE A 473 28.08 4.64 -13.01
C ILE A 473 27.62 3.19 -13.24
N SER A 474 28.11 2.29 -12.41
CA SER A 474 27.78 0.87 -12.53
C SER A 474 26.34 0.59 -12.14
N THR A 475 25.87 -0.62 -12.44
CA THR A 475 24.52 -1.01 -12.07
C THR A 475 24.40 -0.90 -10.55
N LYS A 476 25.43 -1.39 -9.86
CA LYS A 476 25.45 -1.35 -8.41
C LYS A 476 25.16 0.07 -7.91
N GLU A 477 25.97 1.03 -8.36
CA GLU A 477 25.82 2.43 -7.96
C GLU A 477 24.46 3.02 -8.34
N ALA A 478 23.97 2.66 -9.51
CA ALA A 478 22.69 3.15 -10.00
C ALA A 478 21.56 2.67 -9.12
N MET A 479 21.63 1.42 -8.70
CA MET A 479 20.61 0.86 -7.85
C MET A 479 20.71 1.50 -6.48
N ALA A 480 21.91 1.87 -6.08
CA ALA A 480 22.10 2.51 -4.80
C ALA A 480 21.47 3.91 -4.84
N LYS A 481 21.66 4.60 -5.96
CA LYS A 481 21.10 5.93 -6.12
C LYS A 481 19.58 5.85 -6.10
N PHE A 482 19.03 4.83 -6.73
CA PHE A 482 17.58 4.67 -6.76
C PHE A 482 17.09 4.32 -5.35
N GLN A 483 17.91 3.57 -4.62
CA GLN A 483 17.56 3.18 -3.27
C GLN A 483 17.37 4.43 -2.39
N ASN A 484 18.26 5.40 -2.56
CA ASN A 484 18.16 6.63 -1.76
C ASN A 484 16.99 7.50 -2.18
N MET A 485 16.58 7.40 -3.43
CA MET A 485 15.45 8.17 -3.90
C MET A 485 14.25 7.67 -3.12
N ALA A 486 14.15 6.35 -3.01
CA ALA A 486 13.07 5.72 -2.28
C ALA A 486 13.14 6.10 -0.80
N GLU A 487 14.35 6.18 -0.27
CA GLU A 487 14.56 6.55 1.12
C GLU A 487 14.08 7.99 1.33
N THR A 488 14.49 8.88 0.43
CA THR A 488 14.09 10.27 0.49
C THR A 488 12.58 10.35 0.41
N ALA A 489 12.03 9.54 -0.48
CA ALA A 489 10.60 9.47 -0.72
C ALA A 489 9.82 9.09 0.55
N TRP A 490 10.32 8.10 1.29
CA TRP A 490 9.65 7.69 2.50
C TRP A 490 9.66 8.81 3.52
N LYS A 491 10.79 9.50 3.61
CA LYS A 491 10.88 10.61 4.54
C LYS A 491 9.87 11.68 4.15
N ASP A 492 9.72 11.91 2.85
CA ASP A 492 8.76 12.91 2.41
C ASP A 492 7.35 12.48 2.79
N ILE A 493 7.06 11.19 2.66
CA ILE A 493 5.74 10.71 3.02
C ILE A 493 5.48 10.90 4.51
N ASN A 494 6.45 10.57 5.34
CA ASN A 494 6.28 10.71 6.77
C ASN A 494 6.06 12.19 7.09
N GLU A 495 6.72 13.05 6.33
CA GLU A 495 6.59 14.49 6.55
C GLU A 495 5.16 14.93 6.21
N GLY A 496 4.68 14.47 5.07
CA GLY A 496 3.34 14.82 4.62
C GLY A 496 2.20 14.29 5.45
N LEU A 497 2.50 13.60 6.55
CA LEU A 497 1.45 13.06 7.40
C LEU A 497 1.29 13.92 8.67
N LEU A 498 2.20 14.87 8.85
CA LEU A 498 2.20 15.75 10.01
C LEU A 498 1.16 16.88 9.93
N ARG A 499 0.48 17.14 11.05
CA ARG A 499 -0.52 18.22 11.11
C ARG A 499 0.18 19.56 10.96
N PRO A 500 -0.46 20.52 10.27
CA PRO A 500 -1.77 20.42 9.62
C PRO A 500 -1.58 19.71 8.29
N THR A 501 -2.53 18.85 7.92
CA THR A 501 -2.42 18.15 6.66
C THR A 501 -3.25 18.93 5.64
N PRO A 502 -2.74 19.03 4.40
CA PRO A 502 -3.43 19.75 3.32
C PRO A 502 -4.85 19.26 3.06
N VAL A 503 -5.09 17.99 3.31
CA VAL A 503 -6.42 17.42 3.13
C VAL A 503 -6.59 16.55 4.35
N SER A 504 -7.77 15.99 4.52
CA SER A 504 -8.01 15.13 5.65
C SER A 504 -7.14 13.87 5.57
N THR A 505 -6.62 13.44 6.71
CA THR A 505 -5.77 12.25 6.81
C THR A 505 -6.40 11.05 6.10
N GLU A 506 -7.73 10.98 6.14
CA GLU A 506 -8.45 9.91 5.48
C GLU A 506 -8.09 9.81 3.98
N PHE A 507 -7.57 10.89 3.41
CA PHE A 507 -7.22 10.87 2.00
C PHE A 507 -5.73 10.74 1.75
N LEU A 508 -4.95 10.67 2.83
CA LEU A 508 -3.51 10.49 2.74
C LEU A 508 -3.16 9.00 2.85
N THR A 509 -3.84 8.33 3.77
CA THR A 509 -3.63 6.92 4.01
C THR A 509 -3.62 6.07 2.73
N PRO A 510 -4.51 6.37 1.77
CA PRO A 510 -4.49 5.55 0.55
C PRO A 510 -3.17 5.70 -0.18
N ILE A 511 -2.60 6.90 -0.15
CA ILE A 511 -1.35 7.16 -0.82
C ILE A 511 -0.24 6.42 -0.07
N LEU A 512 -0.31 6.48 1.25
CA LEU A 512 0.67 5.81 2.10
C LEU A 512 0.61 4.33 1.79
N ASN A 513 -0.60 3.79 1.84
CA ASN A 513 -0.81 2.37 1.57
C ASN A 513 -0.37 1.91 0.19
N LEU A 514 -0.45 2.79 -0.82
CA LEU A 514 0.00 2.42 -2.15
C LEU A 514 1.51 2.22 -2.10
N ALA A 515 2.19 3.01 -1.28
CA ALA A 515 3.63 2.88 -1.14
C ALA A 515 3.95 1.61 -0.35
N ARG A 516 3.09 1.28 0.62
CA ARG A 516 3.28 0.09 1.43
C ARG A 516 3.21 -1.15 0.55
N ILE A 517 2.18 -1.20 -0.28
CA ILE A 517 1.98 -2.32 -1.19
C ILE A 517 3.22 -2.57 -2.04
N VAL A 518 3.86 -1.50 -2.51
CA VAL A 518 5.06 -1.61 -3.32
C VAL A 518 6.17 -2.30 -2.54
N GLU A 519 6.35 -1.91 -1.29
CA GLU A 519 7.38 -2.49 -0.44
C GLU A 519 7.15 -3.97 -0.17
N VAL A 520 5.88 -4.34 0.02
CA VAL A 520 5.53 -5.72 0.31
C VAL A 520 5.63 -6.64 -0.91
N THR A 521 5.24 -6.12 -2.07
CA THR A 521 5.26 -6.88 -3.32
C THR A 521 6.64 -7.15 -3.90
N TYR A 522 7.60 -6.30 -3.54
CA TYR A 522 8.96 -6.46 -4.04
C TYR A 522 9.94 -6.61 -2.90
N ILE A 523 9.51 -7.17 -1.77
CA ILE A 523 10.40 -7.34 -0.63
C ILE A 523 11.66 -8.13 -1.03
N HIS A 524 11.66 -8.62 -2.27
CA HIS A 524 12.79 -9.38 -2.81
C HIS A 524 13.69 -8.49 -3.65
N THR A 530 11.84 -11.95 -7.44
CA THR A 530 10.98 -12.85 -8.21
C THR A 530 9.63 -12.23 -8.57
N HIS A 531 8.86 -12.94 -9.38
CA HIS A 531 7.54 -12.48 -9.83
C HIS A 531 6.59 -12.21 -8.66
N PRO A 532 5.73 -11.18 -8.82
CA PRO A 532 4.74 -10.76 -7.82
C PRO A 532 3.81 -11.88 -7.33
N GLU A 533 3.25 -12.64 -8.26
CA GLU A 533 2.34 -13.74 -7.90
C GLU A 533 2.93 -14.60 -6.78
N LYS A 534 4.12 -15.12 -7.01
CA LYS A 534 4.79 -15.97 -6.03
C LYS A 534 5.02 -15.22 -4.70
N VAL A 535 4.93 -13.89 -4.76
CA VAL A 535 5.12 -13.05 -3.58
C VAL A 535 3.79 -12.79 -2.89
N LEU A 536 2.75 -12.62 -3.70
CA LEU A 536 1.41 -12.32 -3.20
C LEU A 536 0.61 -13.53 -2.76
N LYS A 537 0.81 -14.67 -3.42
CA LYS A 537 0.09 -15.89 -3.11
C LYS A 537 -0.14 -16.12 -1.61
N PRO A 538 0.93 -16.12 -0.80
CA PRO A 538 0.78 -16.34 0.65
C PRO A 538 -0.20 -15.34 1.27
N HIS A 539 0.05 -14.06 1.03
CA HIS A 539 -0.80 -13.01 1.56
C HIS A 539 -2.26 -13.20 1.15
N ILE A 540 -2.48 -13.56 -0.10
CA ILE A 540 -3.82 -13.77 -0.60
C ILE A 540 -4.48 -14.92 0.14
N ILE A 541 -3.73 -15.98 0.37
CA ILE A 541 -4.28 -17.12 1.09
C ILE A 541 -4.58 -16.70 2.52
N ASN A 542 -3.65 -15.96 3.13
CA ASN A 542 -3.82 -15.52 4.50
C ASN A 542 -4.92 -14.49 4.74
N LEU A 543 -5.25 -13.70 3.72
CA LEU A 543 -6.29 -12.69 3.90
C LEU A 543 -7.64 -13.02 3.28
N LEU A 544 -7.66 -13.78 2.20
CA LEU A 544 -8.90 -14.10 1.50
C LEU A 544 -9.32 -15.58 1.48
N VAL A 545 -8.47 -16.44 2.01
CA VAL A 545 -8.79 -17.87 2.02
C VAL A 545 -8.94 -18.47 3.41
N ASP A 546 -7.83 -18.62 4.14
CA ASP A 546 -7.87 -19.18 5.49
C ASP A 546 -8.30 -18.14 6.51
N SER A 547 -9.29 -18.47 7.33
CA SER A 547 -9.72 -17.55 8.37
C SER A 547 -8.80 -17.80 9.56
N ILE A 548 -8.72 -16.85 10.48
CA ILE A 548 -7.87 -17.03 11.65
C ILE A 548 -8.62 -17.98 12.56
N LYS A 549 -7.99 -19.10 12.92
CA LYS A 549 -8.65 -20.07 13.78
C LYS A 549 -8.82 -19.55 15.19
N ILE A 550 -10.03 -19.68 15.71
CA ILE A 550 -10.35 -19.22 17.05
C ILE A 550 -10.24 -20.36 18.05
C1 FPF B . 1.74 -5.31 -14.14
O1 FPF B . 2.45 -5.24 -15.38
C2 FPF B . 0.47 -4.46 -14.18
F FPF B . -0.62 -5.19 -14.17
C3 FPF B . 0.42 -3.11 -14.21
C4 FPF B . 1.65 -2.23 -14.21
C5 FPF B . -0.86 -2.29 -14.25
C6 FPF B . -1.79 -2.26 -13.00
C7 FPF B . -1.04 -1.86 -11.74
C8 FPF B . -0.66 -2.64 -10.70
C10 FPF B . -0.92 -4.14 -10.60
C9 FPF B . 0.10 -2.09 -9.51
C11 FPF B . 1.62 -2.39 -9.43
C12 FPF B . 2.42 -1.63 -10.48
C13 FPF B . 3.77 -1.60 -10.62
C14 FPF B . 4.42 -0.79 -11.72
C15 FPF B . 4.76 -2.34 -9.74
P1 FPF B . 4.01 -4.89 -15.45
O1A FPF B . 4.98 -6.27 -15.81
O2A FPF B . 4.49 -4.24 -14.07
O3A FPF B . 4.11 -3.73 -16.52
P2 FPF B . 5.15 -2.53 -16.53
O1B FPF B . 6.58 -3.20 -16.69
O2B FPF B . 4.89 -1.77 -17.91
O3B FPF B . 5.07 -1.48 -15.16
MG MG C . 9.26 -2.79 -15.07
MG MG D . 3.83 -3.40 -18.85
MG MG E . 4.09 -1.47 -20.23
C ACT F . 12.60 1.87 1.94
O ACT F . 11.98 1.50 0.86
OXT ACT F . 12.13 1.42 3.08
CH3 ACT F . 13.80 2.80 1.89
C ACT G . 12.57 6.25 6.50
O ACT G . 11.44 5.64 6.43
OXT ACT G . 13.03 6.54 7.68
CH3 ACT G . 13.33 6.60 5.26
#